data_4TKR
#
_entry.id   4TKR
#
_cell.length_a   95.647
_cell.length_b   95.647
_cell.length_c   125.027
_cell.angle_alpha   90.00
_cell.angle_beta   90.00
_cell.angle_gamma   120.00
#
_symmetry.space_group_name_H-M   'P 31 2 1'
#
loop_
_entity.id
_entity.type
_entity.pdbx_description
1 polymer 'Thiamine transporter thia'
2 non-polymer 'THIAMINE DIPHOSPHATE'
3 non-polymer 2-O-octyl-beta-D-glucopyranose
#
_entity_poly.entity_id   1
_entity_poly.type   'polypeptide(L)'
_entity_poly.pdbx_seq_one_letter_code
;MDYKDDDDKHHHHHHHHHHENLYFQSYVMQNKRLIILLECAIFAAVAMVLSFIPLDIGSSFSISLGMIPMYVIAIRRGFW
AAGFAGLLWGLLHFLTGKAYILMPSQAIIEYILAFSFIAFSGVFSKQVRSNLAANQLKKAIEWAWGTMIIGGVARYFWHY
VAGVLFWGAYAFQGWGAQLFSIVMNGASCLGTVLVSGIIISILLKTSPKLFLPK
;
_entity_poly.pdbx_strand_id   A,B
#
loop_
_chem_comp.id
_chem_comp.type
_chem_comp.name
_chem_comp.formula
BGL D-saccharide, beta linking 2-O-octyl-beta-D-glucopyranose 'C14 H28 O6'
TPP non-polymer 'THIAMINE DIPHOSPHATE' 'C12 H19 N4 O7 P2 S 1'
#
# COMPACT_ATOMS: atom_id res chain seq x y z
N ASN A 31 -20.43 -17.72 2.41
CA ASN A 31 -20.16 -17.85 3.84
C ASN A 31 -19.04 -16.94 4.32
N LYS A 32 -17.90 -17.55 4.68
CA LYS A 32 -16.79 -16.83 5.28
C LYS A 32 -16.24 -15.71 4.41
N ARG A 33 -16.14 -15.95 3.10
CA ARG A 33 -15.63 -14.95 2.17
C ARG A 33 -16.53 -13.71 2.14
N LEU A 34 -17.83 -13.94 2.09
CA LEU A 34 -18.79 -12.84 2.08
C LEU A 34 -18.79 -12.11 3.43
N ILE A 35 -18.70 -12.88 4.51
CA ILE A 35 -18.73 -12.31 5.86
C ILE A 35 -17.54 -11.40 6.13
N ILE A 36 -16.34 -11.87 5.84
CA ILE A 36 -15.12 -11.10 6.06
C ILE A 36 -15.11 -9.83 5.21
N LEU A 37 -15.54 -9.94 3.95
CA LEU A 37 -15.63 -8.79 3.07
C LEU A 37 -16.64 -7.77 3.58
N LEU A 38 -17.79 -8.27 4.04
CA LEU A 38 -18.84 -7.41 4.59
C LEU A 38 -18.37 -6.67 5.84
N GLU A 39 -17.65 -7.37 6.72
CA GLU A 39 -17.11 -6.76 7.93
C GLU A 39 -16.17 -5.62 7.59
N CYS A 40 -15.36 -5.81 6.54
CA CYS A 40 -14.49 -4.75 6.06
C CYS A 40 -15.30 -3.55 5.62
N ALA A 41 -16.39 -3.80 4.91
CA ALA A 41 -17.26 -2.74 4.41
C ALA A 41 -17.99 -2.02 5.54
N ILE A 42 -18.40 -2.78 6.56
CA ILE A 42 -19.11 -2.19 7.69
C ILE A 42 -18.18 -1.27 8.49
N PHE A 43 -17.02 -1.79 8.87
CA PHE A 43 -16.05 -1.00 9.62
C PHE A 43 -15.53 0.19 8.81
N ALA A 44 -15.58 0.07 7.49
CA ALA A 44 -15.22 1.18 6.61
C ALA A 44 -16.30 2.26 6.68
N ALA A 45 -17.56 1.82 6.72
CA ALA A 45 -18.69 2.74 6.80
C ALA A 45 -18.72 3.45 8.14
N VAL A 46 -18.44 2.70 9.21
CA VAL A 46 -18.39 3.27 10.55
C VAL A 46 -17.27 4.30 10.65
N ALA A 47 -16.12 3.98 10.05
CA ALA A 47 -14.98 4.90 10.02
C ALA A 47 -15.35 6.18 9.27
N MET A 48 -16.09 6.03 8.18
CA MET A 48 -16.51 7.17 7.38
C MET A 48 -17.52 8.04 8.15
N VAL A 49 -18.33 7.41 8.99
CA VAL A 49 -19.29 8.13 9.82
C VAL A 49 -18.54 8.95 10.87
N LEU A 50 -17.55 8.33 11.49
CA LEU A 50 -16.75 9.02 12.51
C LEU A 50 -15.97 10.19 11.93
N SER A 51 -15.74 10.15 10.63
CA SER A 51 -15.01 11.22 9.94
C SER A 51 -15.82 12.51 9.89
N PHE A 52 -17.11 12.41 10.16
CA PHE A 52 -17.98 13.59 10.20
C PHE A 52 -17.97 14.23 11.58
N ILE A 53 -17.13 13.70 12.47
CA ILE A 53 -16.90 14.29 13.77
C ILE A 53 -15.58 15.05 13.73
N PRO A 54 -15.65 16.38 13.57
CA PRO A 54 -14.47 17.21 13.34
C PRO A 54 -13.61 17.42 14.58
N LEU A 55 -12.37 16.91 14.53
CA LEU A 55 -11.38 17.20 15.56
C LEU A 55 -10.16 17.82 14.89
N ASP A 56 -10.39 18.93 14.19
CA ASP A 56 -9.35 19.55 13.36
C ASP A 56 -8.89 20.88 13.92
N ILE A 57 -7.61 21.16 13.75
CA ILE A 57 -7.07 22.49 14.02
C ILE A 57 -6.37 22.99 12.76
N GLY A 58 -7.12 23.68 11.91
CA GLY A 58 -6.61 24.11 10.62
C GLY A 58 -6.81 23.05 9.56
N SER A 59 -5.93 23.03 8.57
CA SER A 59 -6.03 22.06 7.49
C SER A 59 -4.95 20.99 7.57
N SER A 60 -4.05 21.14 8.54
CA SER A 60 -2.89 20.27 8.63
C SER A 60 -2.86 19.41 9.90
N PHE A 61 -3.75 19.73 10.84
CA PHE A 61 -3.90 18.90 12.03
C PHE A 61 -5.31 18.35 12.18
N SER A 62 -5.41 17.07 12.49
CA SER A 62 -6.70 16.41 12.65
C SER A 62 -6.54 15.08 13.36
N ILE A 63 -7.44 14.81 14.30
CA ILE A 63 -7.49 13.52 14.97
C ILE A 63 -8.48 12.60 14.25
N SER A 64 -7.95 11.54 13.64
CA SER A 64 -8.77 10.64 12.84
C SER A 64 -9.41 9.55 13.69
N LEU A 65 -10.63 9.81 14.14
CA LEU A 65 -11.37 8.84 14.96
C LEU A 65 -11.74 7.60 14.17
N GLY A 66 -11.64 7.68 12.85
CA GLY A 66 -11.98 6.58 11.98
C GLY A 66 -10.97 5.44 12.01
N MET A 67 -9.86 5.66 12.70
CA MET A 67 -8.85 4.62 12.85
C MET A 67 -9.28 3.59 13.88
N ILE A 68 -10.24 3.96 14.73
CA ILE A 68 -10.78 3.03 15.72
C ILE A 68 -11.48 1.83 15.09
N PRO A 69 -12.39 2.05 14.11
CA PRO A 69 -12.92 0.86 13.43
C PRO A 69 -11.85 0.14 12.60
N MET A 70 -10.85 0.88 12.15
CA MET A 70 -9.76 0.29 11.37
C MET A 70 -8.91 -0.63 12.25
N TYR A 71 -8.72 -0.24 13.51
CA TYR A 71 -7.88 -1.01 14.42
C TYR A 71 -8.50 -2.34 14.82
N VAL A 72 -9.80 -2.33 15.11
CA VAL A 72 -10.49 -3.56 15.50
C VAL A 72 -10.54 -4.57 14.35
N ILE A 73 -10.92 -4.11 13.16
CA ILE A 73 -10.99 -4.99 12.00
C ILE A 73 -9.60 -5.53 11.62
N ALA A 74 -8.56 -4.74 11.90
CA ALA A 74 -7.19 -5.16 11.66
C ALA A 74 -6.80 -6.29 12.62
N ILE A 75 -7.26 -6.17 13.86
CA ILE A 75 -7.01 -7.18 14.87
C ILE A 75 -7.91 -8.39 14.66
N ARG A 76 -9.18 -8.12 14.37
CA ARG A 76 -10.19 -9.17 14.21
C ARG A 76 -9.95 -10.05 12.99
N ARG A 77 -9.48 -9.46 11.90
CA ARG A 77 -9.38 -10.20 10.64
C ARG A 77 -7.96 -10.29 10.06
N GLY A 78 -7.12 -9.29 10.35
CA GLY A 78 -5.73 -9.36 9.94
C GLY A 78 -5.26 -8.32 8.95
N PHE A 79 -4.07 -8.56 8.40
CA PHE A 79 -3.37 -7.61 7.52
C PHE A 79 -4.17 -7.23 6.27
N TRP A 80 -4.52 -8.22 5.44
CA TRP A 80 -5.17 -7.95 4.16
C TRP A 80 -6.53 -7.29 4.32
N ALA A 81 -7.26 -7.69 5.36
CA ALA A 81 -8.58 -7.13 5.61
C ALA A 81 -8.49 -5.65 5.99
N ALA A 82 -7.45 -5.30 6.75
CA ALA A 82 -7.25 -3.92 7.19
C ALA A 82 -6.94 -3.02 5.99
N GLY A 83 -6.31 -3.59 4.96
CA GLY A 83 -5.99 -2.85 3.77
C GLY A 83 -7.21 -2.62 2.90
N PHE A 84 -7.99 -3.68 2.70
CA PHE A 84 -9.22 -3.60 1.92
C PHE A 84 -10.23 -2.66 2.58
N ALA A 85 -10.43 -2.83 3.88
CA ALA A 85 -11.34 -1.97 4.64
C ALA A 85 -10.83 -0.54 4.67
N GLY A 86 -9.52 -0.39 4.76
CA GLY A 86 -8.89 0.92 4.78
C GLY A 86 -9.09 1.65 3.48
N LEU A 87 -8.87 0.95 2.37
CA LEU A 87 -9.03 1.53 1.04
C LEU A 87 -10.48 1.91 0.77
N LEU A 88 -11.40 1.05 1.22
CA LEU A 88 -12.83 1.34 1.10
C LEU A 88 -13.17 2.64 1.82
N TRP A 89 -12.59 2.82 3.01
CA TRP A 89 -12.77 4.04 3.78
C TRP A 89 -12.26 5.24 3.01
N GLY A 90 -11.07 5.12 2.43
CA GLY A 90 -10.49 6.20 1.65
C GLY A 90 -11.32 6.53 0.42
N LEU A 91 -11.82 5.50 -0.24
CA LEU A 91 -12.64 5.68 -1.44
C LEU A 91 -13.99 6.30 -1.10
N LEU A 92 -14.45 6.11 0.13
CA LEU A 92 -15.72 6.67 0.57
C LEU A 92 -15.66 8.18 0.78
N HIS A 93 -14.44 8.70 0.91
CA HIS A 93 -14.25 10.16 1.04
C HIS A 93 -14.70 10.86 -0.23
N PHE A 94 -14.39 10.24 -1.37
CA PHE A 94 -14.78 10.78 -2.67
C PHE A 94 -16.30 10.79 -2.82
N LEU A 95 -16.93 9.68 -2.46
CA LEU A 95 -18.37 9.51 -2.64
C LEU A 95 -19.18 10.35 -1.66
N THR A 96 -18.59 10.67 -0.51
CA THR A 96 -19.29 11.45 0.52
C THR A 96 -18.88 12.92 0.51
N GLY A 97 -17.92 13.25 -0.35
CA GLY A 97 -17.49 14.64 -0.51
C GLY A 97 -16.64 15.16 0.64
N LYS A 98 -16.01 14.26 1.37
CA LYS A 98 -15.14 14.65 2.48
C LYS A 98 -13.67 14.63 2.06
N ALA A 99 -13.43 14.48 0.75
CA ALA A 99 -12.07 14.42 0.24
C ALA A 99 -11.58 15.78 -0.24
N TYR A 100 -10.60 16.34 0.46
CA TYR A 100 -9.96 17.57 0.03
C TYR A 100 -9.13 17.28 -1.21
N ILE A 101 -9.40 17.99 -2.30
CA ILE A 101 -8.68 17.75 -3.55
C ILE A 101 -7.99 19.01 -4.08
N LEU A 102 -6.68 19.08 -3.89
CA LEU A 102 -5.88 20.16 -4.44
C LEU A 102 -5.56 19.85 -5.89
N MET A 103 -5.05 18.63 -6.11
CA MET A 103 -4.71 18.16 -7.45
C MET A 103 -5.07 16.68 -7.55
N PRO A 104 -5.28 16.17 -8.79
CA PRO A 104 -5.60 14.76 -8.99
C PRO A 104 -4.54 13.83 -8.38
N SER A 105 -3.27 14.19 -8.54
CA SER A 105 -2.18 13.38 -8.00
C SER A 105 -2.25 13.24 -6.50
N GLN A 106 -2.56 14.35 -5.82
CA GLN A 106 -2.56 14.38 -4.36
C GLN A 106 -3.71 13.58 -3.76
N ALA A 107 -4.85 13.53 -4.46
CA ALA A 107 -6.00 12.77 -3.99
C ALA A 107 -5.73 11.28 -4.11
N ILE A 108 -4.94 10.91 -5.12
CA ILE A 108 -4.53 9.54 -5.34
C ILE A 108 -3.60 9.08 -4.23
N ILE A 109 -2.68 9.95 -3.83
CA ILE A 109 -1.70 9.63 -2.80
C ILE A 109 -2.31 9.61 -1.39
N GLU A 110 -3.25 10.52 -1.13
CA GLU A 110 -3.78 10.68 0.22
C GLU A 110 -5.03 9.86 0.53
N TYR A 111 -5.91 9.69 -0.45
CA TYR A 111 -7.17 8.99 -0.20
C TYR A 111 -7.19 7.58 -0.75
N ILE A 112 -6.08 7.16 -1.36
CA ILE A 112 -5.96 5.80 -1.85
C ILE A 112 -4.72 5.10 -1.29
N LEU A 113 -3.56 5.69 -1.53
CA LEU A 113 -2.29 5.13 -1.04
C LEU A 113 -2.22 5.09 0.48
N ALA A 114 -2.47 6.24 1.11
CA ALA A 114 -2.37 6.36 2.56
C ALA A 114 -3.33 5.44 3.30
N PHE A 115 -4.56 5.35 2.80
CA PHE A 115 -5.58 4.51 3.42
C PHE A 115 -5.39 3.02 3.10
N SER A 116 -4.56 2.72 2.09
CA SER A 116 -4.27 1.34 1.74
C SER A 116 -3.24 0.77 2.71
N PHE A 117 -2.39 1.64 3.25
CA PHE A 117 -1.32 1.21 4.15
C PHE A 117 -1.80 1.09 5.59
N ILE A 118 -3.11 1.14 5.79
CA ILE A 118 -3.72 0.84 7.08
C ILE A 118 -3.66 -0.68 7.29
N ALA A 119 -3.31 -1.40 6.23
CA ALA A 119 -3.09 -2.84 6.28
C ALA A 119 -2.08 -3.22 7.36
N PHE A 120 -1.09 -2.35 7.56
CA PHE A 120 -0.03 -2.60 8.53
C PHE A 120 -0.49 -2.49 9.98
N SER A 121 -1.76 -2.13 10.18
CA SER A 121 -2.34 -2.12 11.51
C SER A 121 -2.58 -3.54 12.00
N GLY A 122 -2.46 -4.50 11.08
CA GLY A 122 -2.72 -5.90 11.39
C GLY A 122 -1.49 -6.79 11.40
N VAL A 123 -0.31 -6.19 11.56
CA VAL A 123 0.93 -6.96 11.56
C VAL A 123 1.08 -7.83 12.80
N PHE A 124 0.38 -7.47 13.89
CA PHE A 124 0.45 -8.21 15.13
C PHE A 124 -0.92 -8.73 15.56
N SER A 125 -1.83 -8.87 14.60
CA SER A 125 -3.19 -9.30 14.88
C SER A 125 -3.26 -10.68 15.54
N LYS A 126 -2.43 -11.60 15.07
CA LYS A 126 -2.41 -12.95 15.62
C LYS A 126 -1.95 -12.94 17.07
N GLN A 127 -0.93 -12.13 17.36
CA GLN A 127 -0.41 -12.02 18.72
C GLN A 127 -1.45 -11.45 19.68
N VAL A 128 -2.12 -10.39 19.26
CA VAL A 128 -3.15 -9.76 20.08
C VAL A 128 -4.29 -10.74 20.37
N ARG A 129 -4.80 -11.38 19.32
CA ARG A 129 -5.87 -12.35 19.45
C ARG A 129 -5.46 -13.57 20.28
N SER A 130 -4.20 -13.98 20.14
CA SER A 130 -3.67 -15.12 20.88
C SER A 130 -3.69 -14.85 22.38
N ASN A 131 -3.15 -13.70 22.79
CA ASN A 131 -3.11 -13.34 24.20
C ASN A 131 -4.49 -13.00 24.76
N LEU A 132 -5.35 -12.44 23.91
CA LEU A 132 -6.68 -12.03 24.34
C LEU A 132 -7.55 -13.23 24.67
N ALA A 133 -7.41 -14.30 23.89
CA ALA A 133 -8.19 -15.52 24.10
C ALA A 133 -7.66 -16.32 25.29
N ALA A 134 -6.39 -16.09 25.63
CA ALA A 134 -5.77 -16.78 26.76
C ALA A 134 -5.81 -15.93 28.03
N ASN A 135 -6.70 -14.93 28.03
CA ASN A 135 -6.84 -14.00 29.14
C ASN A 135 -5.54 -13.30 29.55
N GLN A 136 -4.66 -13.10 28.58
CA GLN A 136 -3.44 -12.32 28.80
C GLN A 136 -3.69 -10.91 28.29
N LEU A 137 -4.52 -10.17 29.01
CA LEU A 137 -4.97 -8.85 28.56
C LEU A 137 -3.84 -7.82 28.47
N LYS A 138 -2.96 -7.82 29.46
CA LYS A 138 -1.83 -6.90 29.45
C LYS A 138 -0.95 -7.12 28.22
N LYS A 139 -0.61 -8.38 27.97
CA LYS A 139 0.21 -8.75 26.82
C LYS A 139 -0.52 -8.41 25.52
N ALA A 140 -1.83 -8.58 25.53
CA ALA A 140 -2.66 -8.31 24.36
C ALA A 140 -2.69 -6.82 24.03
N ILE A 141 -2.78 -5.99 25.07
CA ILE A 141 -2.79 -4.55 24.89
C ILE A 141 -1.43 -4.05 24.41
N GLU A 142 -0.36 -4.62 24.94
CA GLU A 142 0.99 -4.27 24.53
C GLU A 142 1.23 -4.57 23.06
N TRP A 143 0.81 -5.74 22.62
CA TRP A 143 0.91 -6.10 21.21
C TRP A 143 0.03 -5.17 20.37
N ALA A 144 -1.12 -4.81 20.93
CA ALA A 144 -2.08 -3.94 20.24
C ALA A 144 -1.48 -2.57 19.95
N TRP A 145 -0.80 -2.00 20.93
CA TRP A 145 -0.17 -0.69 20.75
C TRP A 145 0.96 -0.75 19.73
N GLY A 146 1.64 -1.90 19.67
CA GLY A 146 2.69 -2.10 18.69
C GLY A 146 2.16 -2.08 17.28
N THR A 147 1.00 -2.72 17.07
CA THR A 147 0.42 -2.82 15.74
C THR A 147 -0.36 -1.56 15.35
N MET A 148 -0.82 -0.82 16.35
CA MET A 148 -1.53 0.43 16.10
C MET A 148 -0.58 1.57 15.74
N ILE A 149 0.62 1.52 16.30
CA ILE A 149 1.64 2.51 15.98
C ILE A 149 2.19 2.28 14.58
N ILE A 150 2.55 1.04 14.27
CA ILE A 150 3.05 0.68 12.94
C ILE A 150 2.04 1.02 11.86
N GLY A 151 0.78 0.62 12.08
CA GLY A 151 -0.28 0.90 11.14
C GLY A 151 -0.56 2.39 11.00
N GLY A 152 -0.39 3.13 12.10
CA GLY A 152 -0.57 4.56 12.09
C GLY A 152 0.52 5.27 11.32
N VAL A 153 1.77 4.93 11.61
CA VAL A 153 2.91 5.52 10.92
C VAL A 153 2.89 5.15 9.43
N ALA A 154 2.48 3.94 9.13
CA ALA A 154 2.38 3.46 7.76
C ALA A 154 1.43 4.30 6.91
N ARG A 155 0.34 4.76 7.51
CA ARG A 155 -0.61 5.61 6.81
C ARG A 155 -0.13 7.04 6.66
N TYR A 156 0.29 7.64 7.77
CA TYR A 156 0.68 9.05 7.78
C TYR A 156 1.99 9.34 7.07
N PHE A 157 2.73 8.28 6.72
CA PHE A 157 3.92 8.43 5.90
C PHE A 157 3.55 9.07 4.57
N TRP A 158 2.47 8.56 3.98
CA TRP A 158 1.99 9.05 2.69
C TRP A 158 1.36 10.44 2.80
N HIS A 159 0.80 10.75 3.97
CA HIS A 159 0.31 12.10 4.24
C HIS A 159 1.49 13.07 4.35
N TYR A 160 2.57 12.60 4.96
CA TYR A 160 3.80 13.38 5.04
C TYR A 160 4.38 13.63 3.64
N VAL A 161 4.32 12.61 2.79
CA VAL A 161 4.82 12.73 1.43
C VAL A 161 4.05 13.79 0.65
N ALA A 162 2.73 13.71 0.70
CA ALA A 162 1.87 14.65 -0.02
C ALA A 162 1.96 16.06 0.58
N GLY A 163 2.27 16.13 1.87
CA GLY A 163 2.43 17.41 2.54
C GLY A 163 3.57 18.20 1.95
N VAL A 164 4.68 17.52 1.68
CA VAL A 164 5.85 18.15 1.08
C VAL A 164 5.57 18.52 -0.37
N LEU A 165 4.86 17.64 -1.07
CA LEU A 165 4.58 17.83 -2.49
C LEU A 165 3.48 18.85 -2.78
N PHE A 166 2.46 18.90 -1.94
CA PHE A 166 1.25 19.64 -2.29
C PHE A 166 0.79 20.70 -1.28
N TRP A 167 1.17 20.55 -0.01
CA TRP A 167 0.61 21.39 1.05
C TRP A 167 1.54 22.48 1.57
N GLY A 168 2.54 22.85 0.78
CA GLY A 168 3.52 23.83 1.20
C GLY A 168 2.94 25.22 1.46
N ALA A 169 1.95 25.60 0.67
CA ALA A 169 1.39 26.94 0.75
C ALA A 169 0.47 27.15 1.96
N TYR A 170 0.34 26.12 2.78
CA TYR A 170 -0.49 26.19 3.98
C TYR A 170 0.38 26.26 5.23
N ALA A 171 1.69 26.36 5.03
CA ALA A 171 2.64 26.34 6.13
C ALA A 171 2.59 27.61 6.97
N PHE A 172 3.22 27.55 8.15
CA PHE A 172 3.39 28.73 8.98
C PHE A 172 4.29 29.72 8.26
N GLN A 173 4.37 30.94 8.77
CA GLN A 173 5.25 31.95 8.18
C GLN A 173 6.70 31.57 8.43
N GLY A 174 7.46 31.38 7.35
CA GLY A 174 8.87 31.07 7.45
C GLY A 174 9.16 29.59 7.56
N TRP A 175 8.16 28.75 7.27
CA TRP A 175 8.35 27.30 7.29
C TRP A 175 8.43 26.71 5.90
N GLY A 176 9.32 25.73 5.73
CA GLY A 176 9.43 25.00 4.48
C GLY A 176 8.37 23.93 4.38
N ALA A 177 8.21 23.37 3.19
CA ALA A 177 7.19 22.35 2.97
C ALA A 177 7.47 21.07 3.75
N GLN A 178 8.73 20.66 3.76
CA GLN A 178 9.13 19.44 4.46
C GLN A 178 8.96 19.58 5.97
N LEU A 179 9.42 20.72 6.50
CA LEU A 179 9.32 20.98 7.92
C LEU A 179 7.86 21.01 8.38
N PHE A 180 7.04 21.74 7.64
CA PHE A 180 5.62 21.88 7.96
C PHE A 180 4.90 20.55 7.84
N SER A 181 5.38 19.68 6.96
CA SER A 181 4.73 18.39 6.73
C SER A 181 5.04 17.39 7.84
N ILE A 182 6.32 17.26 8.19
CA ILE A 182 6.73 16.28 9.20
C ILE A 182 6.19 16.62 10.59
N VAL A 183 6.10 17.91 10.89
CA VAL A 183 5.60 18.36 12.20
C VAL A 183 4.09 18.17 12.30
N MET A 184 3.36 18.66 11.29
CA MET A 184 1.90 18.59 11.31
C MET A 184 1.38 17.16 11.15
N ASN A 185 1.94 16.41 10.21
CA ASN A 185 1.54 15.03 10.02
C ASN A 185 2.04 14.14 11.15
N GLY A 186 3.14 14.53 11.77
CA GLY A 186 3.64 13.85 12.95
C GLY A 186 2.69 14.05 14.12
N ALA A 187 2.22 15.28 14.28
CA ALA A 187 1.29 15.61 15.35
C ALA A 187 -0.06 14.94 15.14
N SER A 188 -0.55 14.99 13.92
CA SER A 188 -1.82 14.34 13.58
C SER A 188 -1.73 12.84 13.82
N CYS A 189 -0.59 12.24 13.46
CA CYS A 189 -0.37 10.82 13.67
C CYS A 189 -0.30 10.50 15.16
N LEU A 190 0.47 11.30 15.89
CA LEU A 190 0.63 11.11 17.33
C LEU A 190 -0.70 11.19 18.06
N GLY A 191 -1.48 12.24 17.77
CA GLY A 191 -2.76 12.44 18.42
C GLY A 191 -3.78 11.38 18.05
N THR A 192 -3.72 10.91 16.81
CA THR A 192 -4.69 9.93 16.32
C THR A 192 -4.46 8.54 16.93
N VAL A 193 -3.20 8.10 16.93
CA VAL A 193 -2.86 6.80 17.50
C VAL A 193 -3.10 6.77 19.01
N LEU A 194 -2.88 7.91 19.67
CA LEU A 194 -3.06 8.02 21.11
C LEU A 194 -4.51 7.84 21.55
N VAL A 195 -5.42 8.61 20.98
CA VAL A 195 -6.82 8.55 21.39
C VAL A 195 -7.50 7.27 20.91
N SER A 196 -7.03 6.72 19.79
CA SER A 196 -7.59 5.50 19.26
C SER A 196 -7.03 4.30 20.02
N GLY A 197 -5.76 4.39 20.38
CA GLY A 197 -5.10 3.34 21.13
C GLY A 197 -5.73 3.12 22.50
N ILE A 198 -6.03 4.23 23.19
CA ILE A 198 -6.65 4.16 24.51
C ILE A 198 -8.02 3.50 24.44
N ILE A 199 -8.83 3.92 23.48
CA ILE A 199 -10.16 3.36 23.31
C ILE A 199 -10.12 1.88 22.93
N ILE A 200 -9.20 1.54 22.04
CA ILE A 200 -8.98 0.14 21.66
C ILE A 200 -8.59 -0.69 22.88
N SER A 201 -7.71 -0.13 23.72
CA SER A 201 -7.27 -0.80 24.94
C SER A 201 -8.44 -1.11 25.85
N ILE A 202 -9.35 -0.13 25.99
CA ILE A 202 -10.55 -0.30 26.80
C ILE A 202 -11.45 -1.36 26.18
N LEU A 203 -11.59 -1.31 24.86
CA LEU A 203 -12.43 -2.25 24.14
C LEU A 203 -11.89 -3.68 24.25
N LEU A 204 -10.58 -3.81 24.41
CA LEU A 204 -9.97 -5.12 24.64
C LEU A 204 -10.36 -5.65 26.00
N LYS A 205 -10.53 -4.73 26.95
CA LYS A 205 -10.95 -5.07 28.30
C LYS A 205 -12.45 -5.35 28.38
N THR A 206 -13.24 -4.45 27.81
CA THR A 206 -14.69 -4.51 27.93
C THR A 206 -15.35 -5.46 26.93
N SER A 207 -14.82 -5.50 25.71
CA SER A 207 -15.42 -6.33 24.65
C SER A 207 -14.39 -7.16 23.90
N PRO A 208 -13.92 -8.26 24.52
CA PRO A 208 -12.90 -9.12 23.90
C PRO A 208 -13.44 -9.86 22.67
N LYS A 209 -14.71 -10.25 22.72
CA LYS A 209 -15.31 -11.03 21.63
C LYS A 209 -15.44 -10.22 20.34
N LEU A 210 -15.36 -8.90 20.45
CA LEU A 210 -15.42 -8.02 19.30
C LEU A 210 -14.18 -8.21 18.42
N PHE A 211 -13.07 -8.59 19.06
CA PHE A 211 -11.81 -8.80 18.37
C PHE A 211 -11.59 -10.28 18.07
N LEU A 212 -12.47 -11.12 18.59
CA LEU A 212 -12.36 -12.57 18.41
C LEU A 212 -13.57 -13.13 17.68
N PRO A 213 -13.43 -13.35 16.36
CA PRO A 213 -14.53 -13.87 15.53
C PRO A 213 -14.72 -15.37 15.68
N VAL B 28 11.50 24.75 -15.62
CA VAL B 28 10.64 23.59 -15.48
C VAL B 28 11.41 22.39 -14.96
N MET B 29 12.67 22.27 -15.38
CA MET B 29 13.54 21.20 -14.92
C MET B 29 14.17 21.54 -13.56
N GLN B 30 13.86 22.73 -13.07
CA GLN B 30 14.37 23.16 -11.76
C GLN B 30 13.39 22.80 -10.65
N ASN B 31 12.18 22.42 -11.04
CA ASN B 31 11.15 21.99 -10.09
C ASN B 31 11.22 20.49 -9.86
N LYS B 32 12.00 20.08 -8.86
CA LYS B 32 12.24 18.67 -8.59
C LYS B 32 10.97 17.89 -8.31
N ARG B 33 10.01 18.52 -7.63
CA ARG B 33 8.76 17.86 -7.26
C ARG B 33 7.91 17.49 -8.47
N LEU B 34 7.82 18.39 -9.44
CA LEU B 34 7.04 18.14 -10.65
C LEU B 34 7.69 17.04 -11.49
N ILE B 35 9.02 17.07 -11.57
CA ILE B 35 9.76 16.10 -12.37
C ILE B 35 9.55 14.67 -11.88
N ILE B 36 9.71 14.46 -10.58
CA ILE B 36 9.54 13.14 -9.98
C ILE B 36 8.13 12.59 -10.26
N LEU B 37 7.13 13.45 -10.15
CA LEU B 37 5.76 13.08 -10.46
C LEU B 37 5.62 12.70 -11.93
N LEU B 38 6.22 13.50 -12.82
CA LEU B 38 6.20 13.22 -14.24
C LEU B 38 6.90 11.90 -14.55
N GLU B 39 8.03 11.66 -13.90
CA GLU B 39 8.77 10.41 -14.09
C GLU B 39 7.94 9.21 -13.70
N CYS B 40 7.20 9.34 -12.61
CA CYS B 40 6.31 8.27 -12.16
C CYS B 40 5.23 8.00 -13.20
N ALA B 41 4.71 9.07 -13.78
CA ALA B 41 3.68 8.96 -14.82
C ALA B 41 4.23 8.31 -16.08
N ILE B 42 5.45 8.68 -16.43
CA ILE B 42 6.10 8.15 -17.63
C ILE B 42 6.33 6.64 -17.53
N PHE B 43 6.97 6.22 -16.43
CA PHE B 43 7.25 4.80 -16.22
C PHE B 43 5.98 3.98 -16.03
N ALA B 44 4.94 4.62 -15.50
CA ALA B 44 3.64 3.96 -15.36
C ALA B 44 3.00 3.74 -16.72
N ALA B 45 3.21 4.70 -17.62
CA ALA B 45 2.71 4.61 -18.98
C ALA B 45 3.46 3.54 -19.77
N VAL B 46 4.77 3.47 -19.57
CA VAL B 46 5.61 2.49 -20.24
C VAL B 46 5.26 1.07 -19.77
N ALA B 47 4.98 0.94 -18.48
CA ALA B 47 4.59 -0.35 -17.91
C ALA B 47 3.24 -0.79 -18.46
N MET B 48 2.34 0.17 -18.68
CA MET B 48 1.02 -0.12 -19.22
C MET B 48 1.11 -0.60 -20.67
N VAL B 49 2.08 -0.06 -21.41
CA VAL B 49 2.31 -0.48 -22.78
C VAL B 49 2.85 -1.92 -22.80
N LEU B 50 3.75 -2.22 -21.88
CA LEU B 50 4.30 -3.57 -21.76
C LEU B 50 3.24 -4.57 -21.31
N SER B 51 2.18 -4.07 -20.69
CA SER B 51 1.07 -4.91 -20.26
C SER B 51 0.27 -5.40 -21.46
N PHE B 52 0.49 -4.78 -22.62
CA PHE B 52 -0.15 -5.20 -23.86
C PHE B 52 0.70 -6.24 -24.58
N ILE B 53 1.77 -6.68 -23.93
CA ILE B 53 2.58 -7.79 -24.43
C ILE B 53 2.20 -9.06 -23.67
N PRO B 54 1.43 -9.94 -24.30
CA PRO B 54 0.86 -11.13 -23.65
C PRO B 54 1.88 -12.25 -23.40
N LEU B 55 2.28 -12.41 -22.15
CA LEU B 55 3.08 -13.56 -21.74
C LEU B 55 2.30 -14.36 -20.72
N ASP B 56 1.09 -14.76 -21.09
CA ASP B 56 0.17 -15.44 -20.19
C ASP B 56 -0.04 -16.89 -20.58
N ILE B 57 -0.28 -17.73 -19.58
CA ILE B 57 -0.72 -19.11 -19.82
C ILE B 57 -1.99 -19.34 -19.03
N GLY B 58 -3.13 -19.16 -19.68
CA GLY B 58 -4.41 -19.20 -19.01
C GLY B 58 -4.73 -17.83 -18.41
N SER B 59 -5.50 -17.83 -17.33
CA SER B 59 -5.88 -16.57 -16.68
C SER B 59 -5.22 -16.43 -15.31
N SER B 60 -4.44 -17.44 -14.93
CA SER B 60 -3.84 -17.47 -13.59
C SER B 60 -2.32 -17.39 -13.63
N PHE B 61 -1.74 -17.48 -14.83
CA PHE B 61 -0.31 -17.31 -14.99
C PHE B 61 0.01 -16.20 -15.99
N SER B 62 0.97 -15.35 -15.62
CA SER B 62 1.40 -14.26 -16.49
C SER B 62 2.74 -13.69 -16.03
N ILE B 63 3.63 -13.43 -16.98
CA ILE B 63 4.87 -12.75 -16.69
C ILE B 63 4.69 -11.25 -16.96
N SER B 64 4.62 -10.47 -15.89
CA SER B 64 4.36 -9.04 -15.99
C SER B 64 5.63 -8.28 -16.36
N LEU B 65 5.77 -7.96 -17.64
CA LEU B 65 6.93 -7.21 -18.12
C LEU B 65 6.90 -5.76 -17.63
N GLY B 66 5.74 -5.34 -17.15
CA GLY B 66 5.57 -3.98 -16.67
C GLY B 66 6.30 -3.68 -15.37
N MET B 67 6.86 -4.71 -14.75
CA MET B 67 7.61 -4.52 -13.52
C MET B 67 9.00 -3.97 -13.80
N ILE B 68 9.43 -4.08 -15.05
CA ILE B 68 10.73 -3.55 -15.45
C ILE B 68 10.81 -2.02 -15.33
N PRO B 69 9.82 -1.27 -15.89
CA PRO B 69 9.86 0.17 -15.63
C PRO B 69 9.60 0.50 -14.17
N MET B 70 8.81 -0.33 -13.51
CA MET B 70 8.51 -0.14 -12.09
C MET B 70 9.76 -0.29 -11.22
N TYR B 71 10.65 -1.18 -11.63
CA TYR B 71 11.89 -1.41 -10.91
C TYR B 71 12.88 -0.26 -11.13
N VAL B 72 12.87 0.30 -12.34
CA VAL B 72 13.75 1.42 -12.66
C VAL B 72 13.41 2.63 -11.81
N ILE B 73 12.14 3.03 -11.85
CA ILE B 73 11.67 4.19 -11.10
C ILE B 73 11.82 3.97 -9.59
N ALA B 74 11.64 2.73 -9.13
CA ALA B 74 11.78 2.39 -7.72
C ALA B 74 13.20 2.63 -7.25
N ILE B 75 14.17 2.22 -8.06
CA ILE B 75 15.58 2.43 -7.77
C ILE B 75 15.95 3.90 -7.94
N ARG B 76 15.42 4.50 -9.00
CA ARG B 76 15.76 5.88 -9.36
C ARG B 76 15.23 6.91 -8.35
N ARG B 77 14.01 6.72 -7.87
CA ARG B 77 13.35 7.73 -7.06
C ARG B 77 12.96 7.28 -5.64
N GLY B 78 12.82 5.98 -5.44
CA GLY B 78 12.62 5.46 -4.10
C GLY B 78 11.26 4.84 -3.79
N PHE B 79 11.01 4.65 -2.51
CA PHE B 79 9.82 3.96 -2.01
C PHE B 79 8.51 4.60 -2.44
N TRP B 80 8.30 5.87 -2.07
CA TRP B 80 7.02 6.52 -2.31
C TRP B 80 6.71 6.69 -3.80
N ALA B 81 7.75 6.91 -4.60
CA ALA B 81 7.58 7.10 -6.03
C ALA B 81 7.16 5.79 -6.70
N ALA B 82 7.71 4.68 -6.22
CA ALA B 82 7.37 3.37 -6.75
C ALA B 82 5.90 3.04 -6.50
N GLY B 83 5.41 3.42 -5.33
CA GLY B 83 4.02 3.19 -4.98
C GLY B 83 3.07 4.07 -5.78
N PHE B 84 3.45 5.33 -5.98
CA PHE B 84 2.65 6.25 -6.77
C PHE B 84 2.62 5.82 -8.23
N ALA B 85 3.78 5.47 -8.77
CA ALA B 85 3.88 5.03 -10.16
C ALA B 85 3.16 3.70 -10.36
N GLY B 86 3.31 2.81 -9.38
CA GLY B 86 2.64 1.52 -9.41
C GLY B 86 1.13 1.68 -9.43
N LEU B 87 0.62 2.54 -8.57
CA LEU B 87 -0.81 2.78 -8.49
C LEU B 87 -1.35 3.42 -9.77
N LEU B 88 -0.56 4.31 -10.37
CA LEU B 88 -0.92 4.90 -11.66
C LEU B 88 -1.03 3.81 -12.71
N TRP B 89 -0.07 2.90 -12.69
CA TRP B 89 -0.07 1.75 -13.59
C TRP B 89 -1.30 0.88 -13.35
N GLY B 90 -1.65 0.71 -12.08
CA GLY B 90 -2.81 -0.07 -11.70
C GLY B 90 -4.11 0.56 -12.15
N LEU B 91 -4.21 1.87 -11.99
CA LEU B 91 -5.42 2.60 -12.40
C LEU B 91 -5.58 2.62 -13.92
N LEU B 92 -4.46 2.64 -14.64
CA LEU B 92 -4.48 2.67 -16.10
C LEU B 92 -5.12 1.43 -16.70
N HIS B 93 -5.18 0.35 -15.92
CA HIS B 93 -5.82 -0.89 -16.37
C HIS B 93 -7.31 -0.68 -16.61
N PHE B 94 -7.92 0.20 -15.82
CA PHE B 94 -9.34 0.51 -15.99
C PHE B 94 -9.57 1.38 -17.23
N LEU B 95 -8.74 2.41 -17.38
CA LEU B 95 -8.88 3.34 -18.50
C LEU B 95 -8.62 2.67 -19.85
N THR B 96 -7.70 1.71 -19.87
CA THR B 96 -7.36 1.02 -21.11
C THR B 96 -8.14 -0.29 -21.27
N GLY B 97 -9.02 -0.57 -20.33
CA GLY B 97 -9.84 -1.77 -20.37
C GLY B 97 -9.05 -3.06 -20.31
N LYS B 98 -7.91 -3.03 -19.64
CA LYS B 98 -7.04 -4.20 -19.53
C LYS B 98 -7.27 -4.91 -18.20
N ALA B 99 -8.17 -4.37 -17.39
CA ALA B 99 -8.47 -4.93 -16.07
C ALA B 99 -9.53 -6.03 -16.14
N TYR B 100 -9.16 -7.22 -15.71
CA TYR B 100 -10.11 -8.34 -15.64
C TYR B 100 -10.93 -8.22 -14.35
N ILE B 101 -12.16 -7.77 -14.49
CA ILE B 101 -13.02 -7.51 -13.33
C ILE B 101 -14.05 -8.60 -13.10
N LEU B 102 -13.87 -9.38 -12.04
CA LEU B 102 -14.84 -10.39 -11.65
C LEU B 102 -15.89 -9.77 -10.74
N MET B 103 -15.40 -9.11 -9.69
CA MET B 103 -16.26 -8.41 -8.74
C MET B 103 -15.66 -7.04 -8.45
N PRO B 104 -16.50 -6.07 -8.05
CA PRO B 104 -15.99 -4.74 -7.70
C PRO B 104 -14.93 -4.79 -6.59
N SER B 105 -15.07 -5.74 -5.68
CA SER B 105 -14.15 -5.85 -4.56
C SER B 105 -12.80 -6.46 -4.96
N GLN B 106 -12.79 -7.31 -5.98
CA GLN B 106 -11.54 -7.90 -6.44
C GLN B 106 -10.77 -6.96 -7.36
N ALA B 107 -11.50 -6.14 -8.11
CA ALA B 107 -10.88 -5.13 -8.96
C ALA B 107 -10.14 -4.13 -8.09
N ILE B 108 -10.74 -3.83 -6.95
CA ILE B 108 -10.14 -2.96 -5.95
C ILE B 108 -8.84 -3.56 -5.41
N ILE B 109 -8.91 -4.80 -4.96
CA ILE B 109 -7.76 -5.48 -4.37
C ILE B 109 -6.62 -5.70 -5.38
N GLU B 110 -6.97 -6.10 -6.60
CA GLU B 110 -5.97 -6.50 -7.58
C GLU B 110 -5.35 -5.35 -8.39
N TYR B 111 -6.14 -4.32 -8.67
CA TYR B 111 -5.65 -3.24 -9.53
C TYR B 111 -5.38 -1.94 -8.78
N ILE B 112 -5.58 -1.94 -7.47
CA ILE B 112 -5.27 -0.78 -6.65
C ILE B 112 -4.37 -1.14 -5.47
N LEU B 113 -4.80 -2.10 -4.66
CA LEU B 113 -4.01 -2.54 -3.52
C LEU B 113 -2.70 -3.19 -3.93
N ALA B 114 -2.78 -4.13 -4.87
CA ALA B 114 -1.62 -4.90 -5.31
C ALA B 114 -0.57 -4.02 -5.99
N PHE B 115 -1.03 -3.11 -6.85
CA PHE B 115 -0.12 -2.23 -7.58
C PHE B 115 0.42 -1.10 -6.71
N SER B 116 -0.22 -0.84 -5.59
CA SER B 116 0.25 0.17 -4.66
C SER B 116 1.44 -0.34 -3.85
N PHE B 117 1.49 -1.66 -3.66
CA PHE B 117 2.56 -2.27 -2.87
C PHE B 117 3.81 -2.54 -3.69
N ILE B 118 3.87 -1.97 -4.89
CA ILE B 118 5.08 -2.00 -5.70
C ILE B 118 6.08 -1.00 -5.08
N ALA B 119 5.59 -0.22 -4.12
CA ALA B 119 6.42 0.71 -3.37
C ALA B 119 7.61 0.00 -2.72
N PHE B 120 7.40 -1.24 -2.30
CA PHE B 120 8.44 -2.01 -1.64
C PHE B 120 9.54 -2.48 -2.59
N SER B 121 9.43 -2.10 -3.86
CA SER B 121 10.48 -2.34 -4.82
C SER B 121 11.61 -1.35 -4.57
N GLY B 122 11.33 -0.34 -3.75
CA GLY B 122 12.28 0.72 -3.47
C GLY B 122 12.78 0.74 -2.04
N VAL B 123 12.67 -0.37 -1.33
CA VAL B 123 13.14 -0.46 0.05
C VAL B 123 14.65 -0.39 0.14
N PHE B 124 15.33 -0.77 -0.93
CA PHE B 124 16.79 -0.74 -0.98
C PHE B 124 17.31 0.14 -2.12
N SER B 125 16.53 1.17 -2.46
CA SER B 125 16.91 2.08 -3.55
C SER B 125 18.21 2.83 -3.28
N LYS B 126 18.35 3.32 -2.06
CA LYS B 126 19.55 4.06 -1.67
C LYS B 126 20.80 3.20 -1.83
N GLN B 127 20.73 1.95 -1.36
CA GLN B 127 21.85 1.02 -1.46
C GLN B 127 22.27 0.75 -2.90
N VAL B 128 21.28 0.59 -3.78
CA VAL B 128 21.57 0.33 -5.19
C VAL B 128 22.28 1.53 -5.82
N ARG B 129 21.69 2.72 -5.65
CA ARG B 129 22.25 3.95 -6.20
C ARG B 129 23.61 4.28 -5.59
N SER B 130 23.77 4.03 -4.29
CA SER B 130 25.02 4.32 -3.60
C SER B 130 26.17 3.46 -4.13
N ASN B 131 25.88 2.18 -4.37
CA ASN B 131 26.87 1.26 -4.92
C ASN B 131 27.11 1.49 -6.41
N LEU B 132 26.06 1.85 -7.12
CA LEU B 132 26.16 2.08 -8.56
C LEU B 132 27.02 3.30 -8.86
N ALA B 133 26.86 4.33 -8.02
CA ALA B 133 27.63 5.56 -8.17
C ALA B 133 29.09 5.36 -7.77
N ALA B 134 29.33 4.45 -6.83
CA ALA B 134 30.67 4.14 -6.37
C ALA B 134 31.33 3.10 -7.28
N ASN B 135 30.67 2.82 -8.39
CA ASN B 135 31.14 1.84 -9.38
C ASN B 135 31.27 0.42 -8.81
N GLN B 136 30.51 0.15 -7.75
CA GLN B 136 30.45 -1.18 -7.17
C GLN B 136 29.30 -1.94 -7.80
N LEU B 137 29.48 -2.36 -9.05
CA LEU B 137 28.40 -2.96 -9.83
C LEU B 137 27.85 -4.25 -9.24
N LYS B 138 28.75 -5.11 -8.75
CA LYS B 138 28.33 -6.39 -8.18
C LYS B 138 27.42 -6.19 -6.98
N LYS B 139 27.82 -5.33 -6.06
CA LYS B 139 27.02 -5.04 -4.87
C LYS B 139 25.73 -4.32 -5.23
N ALA B 140 25.77 -3.49 -6.27
CA ALA B 140 24.59 -2.76 -6.72
C ALA B 140 23.52 -3.73 -7.22
N ILE B 141 23.95 -4.75 -7.95
CA ILE B 141 23.05 -5.76 -8.49
C ILE B 141 22.48 -6.63 -7.37
N GLU B 142 23.30 -6.92 -6.37
CA GLU B 142 22.88 -7.72 -5.23
C GLU B 142 21.77 -7.04 -4.43
N TRP B 143 21.93 -5.75 -4.18
CA TRP B 143 20.89 -4.97 -3.53
C TRP B 143 19.66 -4.87 -4.42
N ALA B 144 19.89 -4.73 -5.72
CA ALA B 144 18.81 -4.62 -6.69
C ALA B 144 17.92 -5.85 -6.69
N TRP B 145 18.53 -7.03 -6.61
CA TRP B 145 17.76 -8.27 -6.57
C TRP B 145 16.94 -8.38 -5.29
N GLY B 146 17.52 -7.93 -4.19
CA GLY B 146 16.81 -7.91 -2.92
C GLY B 146 15.61 -7.00 -2.96
N THR B 147 15.78 -5.82 -3.55
CA THR B 147 14.70 -4.84 -3.61
C THR B 147 13.65 -5.22 -4.65
N MET B 148 14.05 -6.05 -5.62
CA MET B 148 13.11 -6.50 -6.64
C MET B 148 12.27 -7.68 -6.15
N ILE B 149 12.89 -8.56 -5.36
CA ILE B 149 12.18 -9.69 -4.78
C ILE B 149 11.12 -9.22 -3.79
N ILE B 150 11.53 -8.36 -2.86
CA ILE B 150 10.61 -7.82 -1.86
C ILE B 150 9.42 -7.10 -2.48
N GLY B 151 9.71 -6.23 -3.46
CA GLY B 151 8.65 -5.50 -4.15
C GLY B 151 7.69 -6.40 -4.89
N GLY B 152 8.23 -7.43 -5.53
CA GLY B 152 7.42 -8.39 -6.25
C GLY B 152 6.50 -9.17 -5.34
N VAL B 153 7.05 -9.65 -4.23
CA VAL B 153 6.27 -10.39 -3.24
C VAL B 153 5.20 -9.49 -2.62
N ALA B 154 5.55 -8.23 -2.41
CA ALA B 154 4.63 -7.26 -1.82
C ALA B 154 3.38 -7.06 -2.68
N ARG B 155 3.55 -7.10 -4.01
CA ARG B 155 2.43 -6.97 -4.92
C ARG B 155 1.64 -8.27 -5.01
N TYR B 156 2.33 -9.36 -5.29
CA TYR B 156 1.68 -10.65 -5.53
C TYR B 156 1.05 -11.26 -4.27
N PHE B 157 1.26 -10.61 -3.13
CA PHE B 157 0.57 -11.01 -1.91
C PHE B 157 -0.93 -10.79 -2.07
N TRP B 158 -1.29 -9.65 -2.65
CA TRP B 158 -2.69 -9.29 -2.83
C TRP B 158 -3.32 -10.08 -3.96
N HIS B 159 -2.51 -10.48 -4.94
CA HIS B 159 -2.98 -11.35 -6.01
C HIS B 159 -3.26 -12.74 -5.47
N TYR B 160 -2.44 -13.16 -4.51
CA TYR B 160 -2.66 -14.43 -3.81
C TYR B 160 -3.92 -14.36 -2.96
N VAL B 161 -4.12 -13.23 -2.30
CA VAL B 161 -5.30 -13.02 -1.47
C VAL B 161 -6.57 -13.08 -2.31
N ALA B 162 -6.58 -12.33 -3.41
CA ALA B 162 -7.72 -12.32 -4.31
C ALA B 162 -7.92 -13.67 -4.98
N GLY B 163 -6.82 -14.38 -5.20
CA GLY B 163 -6.87 -15.70 -5.78
C GLY B 163 -7.64 -16.68 -4.89
N VAL B 164 -7.44 -16.55 -3.59
CA VAL B 164 -8.16 -17.38 -2.62
C VAL B 164 -9.61 -16.94 -2.52
N LEU B 165 -9.82 -15.62 -2.46
CA LEU B 165 -11.15 -15.05 -2.26
C LEU B 165 -12.07 -15.17 -3.49
N PHE B 166 -11.49 -15.10 -4.68
CA PHE B 166 -12.30 -14.98 -5.89
C PHE B 166 -12.03 -16.02 -6.98
N TRP B 167 -10.76 -16.38 -7.17
CA TRP B 167 -10.37 -17.20 -8.31
C TRP B 167 -10.37 -18.71 -8.03
N GLY B 168 -11.21 -19.14 -7.11
CA GLY B 168 -11.26 -20.54 -6.73
C GLY B 168 -11.95 -21.45 -7.73
N ALA B 169 -12.69 -20.87 -8.66
CA ALA B 169 -13.44 -21.64 -9.64
C ALA B 169 -12.62 -21.92 -10.90
N TYR B 170 -11.47 -21.27 -11.02
CA TYR B 170 -10.60 -21.47 -12.17
C TYR B 170 -9.50 -22.47 -11.86
N ALA B 171 -9.59 -23.10 -10.68
CA ALA B 171 -8.57 -24.02 -10.21
C ALA B 171 -8.58 -25.34 -10.98
N PHE B 172 -7.51 -26.10 -10.83
CA PHE B 172 -7.45 -27.46 -11.37
C PHE B 172 -8.47 -28.32 -10.64
N GLN B 173 -8.78 -29.49 -11.20
CA GLN B 173 -9.67 -30.42 -10.53
C GLN B 173 -9.01 -31.00 -9.29
N GLY B 174 -9.69 -30.89 -8.15
CA GLY B 174 -9.17 -31.41 -6.90
C GLY B 174 -8.36 -30.38 -6.14
N TRP B 175 -8.20 -29.19 -6.71
CA TRP B 175 -7.43 -28.13 -6.08
C TRP B 175 -8.33 -27.13 -5.37
N GLY B 176 -7.99 -26.80 -4.13
CA GLY B 176 -8.71 -25.79 -3.38
C GLY B 176 -8.30 -24.39 -3.79
N ALA B 177 -9.00 -23.39 -3.26
CA ALA B 177 -8.72 -22.00 -3.60
C ALA B 177 -7.36 -21.55 -3.06
N GLN B 178 -7.03 -22.00 -1.85
CA GLN B 178 -5.75 -21.67 -1.22
C GLN B 178 -4.58 -22.26 -2.02
N LEU B 179 -4.66 -23.55 -2.32
CA LEU B 179 -3.61 -24.27 -3.03
C LEU B 179 -3.35 -23.68 -4.42
N PHE B 180 -4.43 -23.48 -5.17
CA PHE B 180 -4.33 -22.95 -6.53
C PHE B 180 -3.78 -21.53 -6.56
N SER B 181 -4.08 -20.75 -5.53
CA SER B 181 -3.67 -19.36 -5.49
C SER B 181 -2.20 -19.19 -5.14
N ILE B 182 -1.71 -19.99 -4.20
CA ILE B 182 -0.32 -19.88 -3.78
C ILE B 182 0.66 -20.39 -4.83
N VAL B 183 0.24 -21.41 -5.58
CA VAL B 183 1.09 -22.00 -6.62
C VAL B 183 1.15 -21.10 -7.86
N MET B 184 -0.01 -20.67 -8.33
CA MET B 184 -0.09 -19.88 -9.56
C MET B 184 0.47 -18.47 -9.39
N ASN B 185 0.09 -17.81 -8.30
CA ASN B 185 0.61 -16.47 -8.03
C ASN B 185 2.08 -16.52 -7.64
N GLY B 186 2.49 -17.63 -7.04
CA GLY B 186 3.89 -17.84 -6.73
C GLY B 186 4.71 -17.98 -7.98
N ALA B 187 4.22 -18.78 -8.92
CA ALA B 187 4.89 -18.99 -10.20
C ALA B 187 4.92 -17.70 -11.01
N SER B 188 3.79 -17.00 -11.05
CA SER B 188 3.68 -15.74 -11.77
C SER B 188 4.64 -14.70 -11.19
N CYS B 189 4.76 -14.69 -9.86
CA CYS B 189 5.71 -13.81 -9.20
C CYS B 189 7.13 -14.24 -9.51
N LEU B 190 7.38 -15.55 -9.45
CA LEU B 190 8.70 -16.10 -9.73
C LEU B 190 9.16 -15.75 -11.15
N GLY B 191 8.29 -15.98 -12.13
CA GLY B 191 8.60 -15.70 -13.51
C GLY B 191 8.80 -14.23 -13.79
N THR B 192 8.02 -13.39 -13.10
CA THR B 192 8.10 -11.95 -13.28
C THR B 192 9.38 -11.37 -12.69
N VAL B 193 9.69 -11.73 -11.46
CA VAL B 193 10.89 -11.23 -10.80
C VAL B 193 12.15 -11.69 -11.51
N LEU B 194 12.16 -12.93 -11.99
CA LEU B 194 13.30 -13.47 -12.71
C LEU B 194 13.57 -12.72 -14.01
N VAL B 195 12.55 -12.62 -14.86
CA VAL B 195 12.70 -11.93 -16.14
C VAL B 195 13.05 -10.45 -15.95
N SER B 196 12.25 -9.76 -15.14
CA SER B 196 12.48 -8.35 -14.87
C SER B 196 13.83 -8.12 -14.20
N GLY B 197 14.18 -9.00 -13.27
CA GLY B 197 15.42 -8.90 -12.54
C GLY B 197 16.66 -8.99 -13.40
N ILE B 198 16.62 -9.86 -14.40
CA ILE B 198 17.75 -10.03 -15.31
C ILE B 198 17.91 -8.80 -16.21
N ILE B 199 16.78 -8.30 -16.71
CA ILE B 199 16.78 -7.10 -17.55
C ILE B 199 17.35 -5.91 -16.79
N ILE B 200 16.90 -5.73 -15.55
CA ILE B 200 17.40 -4.66 -14.69
C ILE B 200 18.89 -4.81 -14.44
N SER B 201 19.33 -6.03 -14.15
CA SER B 201 20.74 -6.32 -13.89
C SER B 201 21.62 -5.90 -15.06
N ILE B 202 21.14 -6.11 -16.28
CA ILE B 202 21.86 -5.72 -17.48
C ILE B 202 21.85 -4.20 -17.65
N LEU B 203 20.69 -3.60 -17.38
CA LEU B 203 20.54 -2.15 -17.50
C LEU B 203 21.39 -1.40 -16.48
N LEU B 204 21.73 -2.07 -15.38
CA LEU B 204 22.64 -1.50 -14.39
C LEU B 204 24.06 -1.47 -14.94
N LYS B 205 24.35 -2.40 -15.85
CA LYS B 205 25.66 -2.51 -16.47
C LYS B 205 25.77 -1.59 -17.68
N THR B 206 24.72 -1.54 -18.49
CA THR B 206 24.76 -0.79 -19.75
C THR B 206 24.29 0.65 -19.61
N SER B 207 23.39 0.90 -18.65
CA SER B 207 22.81 2.23 -18.50
C SER B 207 22.70 2.67 -17.03
N PRO B 208 23.84 2.94 -16.39
CA PRO B 208 23.85 3.31 -14.96
C PRO B 208 23.17 4.65 -14.70
N LYS B 209 23.30 5.59 -15.62
CA LYS B 209 22.77 6.94 -15.44
C LYS B 209 21.23 6.96 -15.47
N LEU B 210 20.64 5.87 -15.94
CA LEU B 210 19.19 5.74 -15.95
C LEU B 210 18.66 5.60 -14.53
N PHE B 211 19.49 5.08 -13.63
CA PHE B 211 19.12 4.85 -12.24
C PHE B 211 19.67 5.93 -11.34
N LEU B 212 20.45 6.86 -11.91
CA LEU B 212 21.13 7.89 -11.13
C LEU B 212 20.72 9.29 -11.56
N PRO B 213 19.66 9.84 -10.96
CA PRO B 213 19.23 11.21 -11.23
C PRO B 213 20.09 12.22 -10.49
N1' TPP C . -1.23 19.30 5.70
C2' TPP C . -0.05 18.62 5.48
CM2 TPP C . 1.24 19.20 5.97
N3' TPP C . -0.06 17.40 4.83
C4' TPP C . -1.24 16.86 4.37
N4' TPP C . -1.23 15.70 3.74
C5' TPP C . -2.44 17.54 4.59
C6' TPP C . -2.43 18.76 5.25
C7' TPP C . -3.76 16.99 4.10
N3 TPP C . -4.20 15.81 4.81
C2 TPP C . -3.72 15.37 6.01
S1 TPP C . -4.43 14.03 6.52
C5 TPP C . -5.37 13.97 5.24
C4 TPP C . -5.18 15.00 4.34
CM4 TPP C . -5.93 15.19 3.06
C6 TPP C . -6.32 12.80 5.23
C7 TPP C . -7.66 13.26 5.79
O7 TPP C . -7.46 13.69 7.11
PA TPP C . -8.67 13.61 8.18
O1A TPP C . -8.12 13.15 9.51
O2A TPP C . -9.38 14.93 8.30
O3A TPP C . -9.60 12.48 7.51
PB TPP C . -10.19 11.23 8.33
O1B TPP C . -10.30 11.53 9.79
O2B TPP C . -11.55 10.88 7.77
O3B TPP C . -9.27 10.05 8.14
C1 BGL D . 0.54 -13.40 8.24
O1 BGL D . 1.07 -13.72 7.05
C2 BGL D . -0.32 -12.17 8.11
O2 BGL D . 0.51 -11.04 7.80
C3 BGL D . -1.07 -11.90 9.31
O3 BGL D . -1.89 -10.71 9.15
C4 BGL D . -1.92 -13.04 9.70
O4 BGL D . -2.63 -12.77 10.90
C5 BGL D . -1.11 -14.30 9.88
O5 BGL D . -0.17 -14.56 8.80
C6 BGL D . -2.01 -15.45 10.06
O6 BGL D . -1.42 -16.73 10.17
C1' BGL D . 0.65 -10.61 6.48
C2' BGL D . 1.95 -9.99 6.07
C3' BGL D . 2.32 -9.98 4.56
C4' BGL D . 2.59 -8.65 3.91
C5' BGL D . 3.30 -8.64 2.55
C6' BGL D . 3.92 -7.36 2.09
C1 BGL E . -3.14 24.54 10.69
O1 BGL E . -2.73 23.27 10.90
C2 BGL E . -2.16 25.49 11.30
O2 BGL E . -2.30 25.47 12.72
C3 BGL E . -2.35 26.87 10.84
O3 BGL E . -1.38 27.76 11.43
C4 BGL E . -2.30 26.94 9.38
O4 BGL E . -2.42 28.30 8.92
C5 BGL E . -3.38 26.12 8.76
O5 BGL E . -3.39 24.75 9.26
C6 BGL E . -3.26 26.13 7.29
O6 BGL E . -3.02 27.38 6.68
C1' BGL E . -1.52 24.61 13.52
C2' BGL E . -1.99 24.36 14.92
C3' BGL E . -1.30 23.20 15.73
C4' BGL E . -2.15 22.46 16.71
C5' BGL E . -1.53 21.26 17.43
C6' BGL E . -2.38 20.53 18.43
C1 BGL F . 4.20 30.96 13.77
O1 BGL F . 3.01 30.53 13.29
C2 BGL F . 5.12 29.79 13.89
O2 BGL F . 4.68 28.95 14.95
C3 BGL F . 6.50 30.19 14.13
O3 BGL F . 7.38 29.05 14.20
C4 BGL F . 6.98 31.15 13.13
O4 BGL F . 8.33 31.52 13.37
C5 BGL F . 6.10 32.38 13.11
O5 BGL F . 4.70 32.06 12.95
C6 BGL F . 6.55 33.32 12.05
O6 BGL F . 5.78 34.48 11.85
C1' BGL F . 4.51 27.58 14.73
C2' BGL F . 3.85 26.76 15.80
C3' BGL F . 4.25 25.24 15.88
C4' BGL F . 3.34 24.30 16.61
C5' BGL F . 3.72 22.82 16.63
C6' BGL F . 2.86 21.89 17.44
C7' BGL F . 3.10 20.38 17.27
C8' BGL F . 2.22 19.44 18.07
C1 BGL G . 4.03 -1.43 24.85
O1 BGL G . 2.75 -1.51 24.42
C2 BGL G . 4.04 -1.59 26.34
O2 BGL G . 3.40 -0.45 26.92
C3 BGL G . 5.39 -1.69 26.86
O3 BGL G . 5.37 -1.87 28.29
C4 BGL G . 6.16 -2.78 26.22
O4 BGL G . 7.50 -2.82 26.69
C5 BGL G . 6.18 -2.64 24.71
O5 BGL G . 4.86 -2.41 24.14
C6 BGL G . 6.81 -3.81 24.09
O6 BGL G . 7.26 -3.67 22.76
C1' BGL G . 2.22 -0.62 27.65
C2' BGL G . 1.33 0.57 27.82
C3' BGL G . 0.14 0.74 26.83
C4' BGL G . -1.25 0.82 27.40
C5' BGL G . -1.67 2.13 28.06
C6' BGL G . -2.99 2.14 28.80
C7' BGL G . -4.26 2.47 28.00
C8' BGL G . -5.52 2.78 28.78
C1 BGL H . 8.29 0.50 22.92
O1 BGL H . 7.56 0.05 21.88
C2 BGL H . 7.40 0.68 24.12
O2 BGL H . 6.48 1.74 23.87
C3 BGL H . 8.17 0.99 25.32
O3 BGL H . 7.29 1.13 26.46
C4 BGL H . 9.22 0.00 25.59
O4 BGL H . 10.01 0.40 26.70
C5 BGL H . 10.12 -0.24 24.41
O5 BGL H . 9.42 -0.41 23.17
C6 BGL H . 11.00 -1.41 24.65
O6 BGL H . 11.24 -2.26 23.56
C1' BGL H . 5.21 1.47 23.33
C2' BGL H . 4.27 2.62 23.09
C3' BGL H . 3.50 3.19 24.33
C4' BGL H . 2.14 3.78 24.08
C5' BGL H . 1.17 3.87 25.25
C6' BGL H . 1.21 5.11 26.11
C7' BGL H . 0.11 6.17 25.88
C8' BGL H . -1.32 5.78 26.24
C1 BGL I . 5.86 -7.16 21.86
O1 BGL I . 5.16 -6.01 21.87
C2 BGL I . 7.28 -6.85 21.45
O2 BGL I . 7.29 -6.44 20.08
C3 BGL I . 8.15 -8.01 21.60
O3 BGL I . 9.50 -7.69 21.20
C4 BGL I . 8.11 -8.52 22.99
O4 BGL I . 8.96 -9.66 23.14
C5 BGL I . 6.72 -8.89 23.40
O5 BGL I . 5.75 -7.83 23.16
C6 BGL I . 6.70 -9.31 24.83
O6 BGL I . 6.52 -10.67 25.09
C1' BGL I . 7.53 -5.10 19.75
C2' BGL I . 7.11 -4.63 18.39
C3' BGL I . 6.91 -3.09 18.18
C4' BGL I . 8.09 -2.29 17.71
C5' BGL I . 7.99 -0.76 17.85
C6' BGL I . 6.68 -0.09 17.53
N1' TPP J . -5.54 -16.40 -10.80
C2' TPP J . -5.33 -16.45 -9.42
CM2 TPP J . -5.15 -17.77 -8.75
N3' TPP J . -5.30 -15.28 -8.69
C4' TPP J . -5.47 -14.06 -9.32
N4' TPP J . -5.42 -12.95 -8.60
C5' TPP J . -5.66 -14.01 -10.69
C6' TPP J . -5.71 -15.19 -11.43
C7' TPP J . -5.86 -12.68 -11.41
N3 TPP J . -4.66 -11.87 -11.47
C2 TPP J . -3.38 -12.32 -11.21
S1 TPP J . -2.29 -11.16 -11.39
C5 TPP J . -3.38 -10.09 -11.82
C4 TPP J . -4.67 -10.58 -11.84
CM4 TPP J . -5.89 -9.78 -12.20
C6 TPP J . -2.83 -8.73 -12.12
C7 TPP J . -2.58 -8.62 -13.62
O7 TPP J . -1.47 -9.42 -13.94
PA TPP J . -0.94 -9.54 -15.45
O1A TPP J . -1.74 -10.59 -16.19
O2A TPP J . 0.53 -9.86 -15.48
O3A TPP J . -1.26 -8.09 -16.09
PB TPP J . -0.11 -6.98 -16.24
O1B TPP J . 0.86 -7.09 -15.09
O2B TPP J . 0.62 -7.17 -17.54
O3B TPP J . -0.75 -5.61 -16.23
C1 BGL K . -3.46 -32.16 -10.78
O1 BGL K . -2.22 -32.35 -10.25
C2 BGL K . -3.30 -31.76 -12.22
O2 BGL K . -2.87 -30.39 -12.29
C3 BGL K . -4.55 -31.89 -12.96
O3 BGL K . -4.39 -31.45 -14.34
C4 BGL K . -5.03 -33.28 -12.90
O4 BGL K . -6.16 -33.49 -13.72
C5 BGL K . -5.35 -33.66 -11.47
O5 BGL K . -4.28 -33.37 -10.55
C6 BGL K . -5.72 -35.09 -11.41
O6 BGL K . -6.84 -35.44 -10.63
C1' BGL K . -1.61 -30.07 -12.81
C2' BGL K . -0.72 -29.19 -11.98
C3' BGL K . 0.18 -28.14 -12.72
C4' BGL K . 1.21 -27.43 -11.88
C5' BGL K . 2.11 -26.40 -12.55
C6' BGL K . 3.08 -25.66 -11.69
C7' BGL K . 4.17 -24.81 -12.40
C8' BGL K . 5.16 -24.08 -11.54
C1 BGL L . 0.18 -16.16 -25.18
O1 BGL L . 0.43 -15.16 -24.31
C2 BGL L . 0.97 -17.36 -24.80
O2 BGL L . 2.36 -17.09 -24.98
C3 BGL L . 0.61 -18.53 -25.58
O3 BGL L . 1.38 -19.70 -25.14
C4 BGL L . -0.83 -18.83 -25.53
O4 BGL L . -1.16 -19.91 -26.40
C5 BGL L . -1.68 -17.65 -25.89
O5 BGL L . -1.27 -16.40 -25.26
C6 BGL L . -3.09 -17.93 -25.56
O6 BGL L . -3.35 -18.75 -24.44
C1' BGL L . 3.19 -16.87 -23.87
C2' BGL L . 3.95 -18.06 -23.32
C3' BGL L . 4.50 -17.95 -21.86
C4' BGL L . 5.86 -18.52 -21.60
C5' BGL L . 6.26 -18.78 -20.14
C6' BGL L . 7.72 -18.94 -19.85
C7' BGL L . 8.44 -20.19 -20.40
C8' BGL L . 9.80 -20.52 -19.84
C1 BGL M . -1.88 -15.17 4.48
O1 BGL M . -1.26 -14.25 5.25
C2 BGL M . -1.50 -16.54 4.97
O2 BGL M . -0.40 -17.04 4.19
C3 BGL M . -2.60 -17.49 4.87
O3 BGL M . -2.16 -18.81 5.26
C4 BGL M . -3.78 -17.08 5.65
O4 BGL M . -4.91 -17.88 5.28
C5 BGL M . -4.13 -15.63 5.46
O5 BGL M . -3.33 -14.93 4.47
C6 BGL M . -4.10 -14.89 6.74
O6 BGL M . -4.60 -15.56 7.88
C1' BGL M . 0.86 -16.45 4.26
C2' BGL M . 1.69 -16.42 3.01
C3' BGL M . 1.31 -15.38 1.90
C4' BGL M . 1.61 -15.74 0.48
C5' BGL M . 2.30 -14.70 -0.40
C6' BGL M . 2.73 -15.11 -1.79
C7' BGL M . 3.26 -14.03 -2.74
C8' BGL M . 3.59 -14.46 -4.15
C1 BGL N . -5.27 -23.97 -15.72
O1 BGL N . -4.98 -25.10 -16.39
C2 BGL N . -4.38 -22.85 -16.20
O2 BGL N . -3.03 -23.12 -15.82
C3 BGL N . -4.80 -21.57 -15.66
O3 BGL N . -3.89 -20.52 -16.07
C4 BGL N . -6.17 -21.25 -16.08
O4 BGL N . -6.59 -19.99 -15.59
C5 BGL N . -7.15 -22.31 -15.61
O5 BGL N . -6.72 -23.67 -15.85
C6 BGL N . -8.47 -22.08 -16.23
O6 BGL N . -9.56 -22.82 -15.73
C1' BGL N . -2.12 -23.58 -16.78
C2' BGL N . -0.66 -23.32 -16.57
C3' BGL N . 0.12 -24.25 -15.58
C4' BGL N . 1.61 -24.09 -15.50
C5' BGL N . 2.17 -22.70 -15.81
C6' BGL N . 3.58 -22.41 -15.37
C7' BGL N . 4.58 -21.94 -16.44
C8' BGL N . 4.90 -22.90 -17.55
C1 BGL O . 24.04 -11.81 -3.19
O1 BGL O . 24.59 -12.86 -3.85
C2 BGL O . 22.59 -11.69 -3.57
O2 BGL O . 22.50 -11.19 -4.90
C3 BGL O . 21.87 -10.80 -2.67
O3 BGL O . 20.47 -10.70 -3.04
C4 BGL O . 22.01 -11.20 -1.27
O4 BGL O . 21.26 -10.35 -0.41
C5 BGL O . 23.45 -11.19 -0.85
O5 BGL O . 24.30 -11.95 -1.74
C6 BGL O . 23.59 -11.70 0.53
O6 BGL O . 24.88 -11.74 1.08
C1' BGL O . 22.36 -12.06 -5.98
C2' BGL O . 23.01 -11.67 -7.28
C3' BGL O . 22.42 -12.26 -8.62
C4' BGL O . 23.06 -11.83 -9.90
C5' BGL O . 22.35 -12.22 -11.20
C6' BGL O . 22.87 -11.65 -12.49
C7' BGL O . 22.05 -11.94 -13.77
C8' BGL O . 22.59 -11.40 -15.08
C1 BGL P . 19.97 -19.46 0.12
O1 BGL P . 20.55 -18.54 0.92
C2 BGL P . 20.44 -19.30 -1.30
O2 BGL P . 19.30 -18.98 -2.08
C3 BGL P . 21.09 -20.49 -1.83
O3 BGL P . 21.77 -20.22 -3.09
C4 BGL P . 22.06 -21.09 -0.89
O4 BGL P . 22.68 -22.24 -1.44
C5 BGL P . 21.42 -21.46 0.42
O5 BGL P . 20.15 -20.81 0.66
C6 BGL P . 22.35 -21.17 1.54
O6 BGL P . 23.09 -22.24 2.09
C1' BGL P . 19.38 -18.29 -3.29
C2' BGL P . 18.73 -18.97 -4.47
C3' BGL P . 17.93 -18.08 -5.48
C4' BGL P . 16.47 -18.38 -5.65
C5' BGL P . 15.86 -18.10 -7.03
C6' BGL P . 15.67 -16.68 -7.44
C7' BGL P . 14.32 -16.01 -7.11
C8' BGL P . 13.95 -14.75 -7.87
C1 BGL Q . 23.44 -8.20 3.14
O1 BGL Q . 23.00 -8.04 4.41
C2 BGL Q . 22.41 -7.67 2.19
O2 BGL Q . 21.22 -8.47 2.29
C3 BGL Q . 22.89 -7.69 0.82
O3 BGL Q . 21.86 -7.18 -0.07
C4 BGL Q . 24.14 -6.94 0.65
O4 BGL Q . 24.63 -7.06 -0.68
C5 BGL Q . 25.21 -7.37 1.61
O5 BGL Q . 24.76 -7.57 2.97
C6 BGL Q . 26.33 -6.40 1.59
O6 BGL Q . 27.10 -6.27 2.76
C1' BGL Q . 20.02 -7.90 2.69
C2' BGL Q . 18.82 -8.03 1.79
C3' BGL Q . 17.88 -9.26 1.98
C4' BGL Q . 16.81 -9.49 0.96
C5' BGL Q . 16.09 -10.84 0.96
C6' BGL Q . 15.16 -11.14 -0.19
C1 BGL R . 4.60 -19.47 0.57
O1 BGL R . 4.28 -18.24 0.13
C2 BGL R . 6.09 -19.65 0.50
O2 BGL R . 6.49 -19.77 -0.88
C3 BGL R . 6.53 -20.86 1.20
O3 BGL R . 7.97 -21.00 1.14
C4 BGL R . 6.07 -20.87 2.60
O4 BGL R . 6.48 -22.06 3.26
C5 BGL R . 4.57 -20.75 2.71
O5 BGL R . 4.03 -19.69 1.90
C6 BGL R . 4.17 -20.57 4.12
O6 BGL R . 2.92 -20.02 4.37
C1' BGL R . 6.85 -18.64 -1.62
C2' BGL R . 6.63 -18.70 -3.11
C3' BGL R . 6.79 -17.37 -3.93
C4' BGL R . 8.17 -16.91 -4.29
C5' BGL R . 8.29 -15.76 -5.28
C6' BGL R . 9.66 -15.20 -5.54
C1 BGL S . 22.01 -15.58 -1.81
O1 BGL S . 21.80 -16.26 -2.96
C2 BGL S . 20.69 -15.11 -1.25
O2 BGL S . 20.13 -14.15 -2.16
C3 BGL S . 20.86 -14.50 0.06
O3 BGL S . 19.58 -14.03 0.56
C4 BGL S . 21.48 -15.41 1.01
O4 BGL S . 21.70 -14.78 2.27
C5 BGL S . 22.80 -15.96 0.51
O5 BGL S . 22.77 -16.41 -0.86
C6 BGL S . 23.27 -17.04 1.40
O6 BGL S . 23.96 -18.12 0.81
C1' BGL S . 18.85 -14.38 -2.70
C2' BGL S . 18.53 -13.75 -4.03
C3' BGL S . 19.26 -14.32 -5.30
C4' BGL S . 18.80 -13.87 -6.64
C5' BGL S . 19.52 -14.44 -7.87
C6' BGL S . 18.76 -14.46 -9.17
C7' BGL S . 19.45 -15.11 -10.39
C8' BGL S . 18.73 -15.04 -11.71
#